data_2HKB
#
_entry.id   2HKB
#
loop_
_entity.id
_entity.type
_entity.pdbx_description
1 polymer "5'-D(*CP*TP*CP*GP*GP*CP*GP*CP*CP*AP*TP*C)-3'"
2 polymer "5'-D(*GP*AP*TP*GP*GP*CP*GP*CP*CP*GP*AP*G)-3'"
#
loop_
_entity_poly.entity_id
_entity_poly.type
_entity_poly.pdbx_seq_one_letter_code
_entity_poly.pdbx_strand_id
1 'polydeoxyribonucleotide' (DC)(DT)(DC)(DG)(DG)(DC)(DG)(DC)(DC)(DA)(DT)(DC) A
2 'polydeoxyribonucleotide' (DG)(DA)(DT)(DG)(DG)(DC)(DG)(DC)(DC)(DG)(DA)(DG) B
#